data_6ICL
#
_entry.id   6ICL
#
_cell.length_a   98.553
_cell.length_b   98.553
_cell.length_c   174.441
_cell.angle_alpha   90.00
_cell.angle_beta   90.00
_cell.angle_gamma   120.00
#
_symmetry.space_group_name_H-M   'P 63 2 2'
#
loop_
_entity.id
_entity.type
_entity.pdbx_description
1 polymer 'Methylxanthine N3-demethylase NdmB'
2 non-polymer 'FE2/S2 (INORGANIC) CLUSTER'
3 non-polymer 'FE (III) ION'
4 water water
#
_entity_poly.entity_id   1
_entity_poly.type   'polypeptide(L)'
_entity_poly.pdbx_seq_one_letter_code
;MGSSHHHHHHENLYFQGSMKEQLKPLLEDKTYLRHFWHPVCTLNEFERANASGHGPMGVTLLGEKLVLARLNSKIIAAAD
RCAHRSAQLSIGRVCSNAGKDYLECPYHGWRYDEAGACQLIPACPDKSISPRAKISSFDCEVKYDIVWVRLDNSFDCTQI
PYLSDFDNPDMQVIVADSYIWETVAERRWENFTDFSHFAFVHPGTLYDPFFASHPTVYVNRVDGELQFKLAPPREMKGIP
PEAPMGDFTYRCTMPYSVNLEIKLWKDDSRFVLWTTASPVDNKSCRNFMIIVREKDNQPDHMHLAFQKRVLDEDQPVIES
QWPLEIQTSEVSVATDKISVQFRKWHKELSLSAVEGREAFRDSVLTNVIEEEQ
;
_entity_poly.pdbx_strand_id   A
#
# COMPACT_ATOMS: atom_id res chain seq x y z
N LYS A 24 13.54 19.74 -9.86
CA LYS A 24 13.45 18.91 -11.06
C LYS A 24 12.62 17.59 -10.96
N PRO A 25 11.62 17.49 -10.08
CA PRO A 25 10.90 16.23 -9.95
C PRO A 25 9.74 16.09 -10.93
N LEU A 26 9.52 14.85 -11.38
CA LEU A 26 8.41 14.58 -12.29
C LEU A 26 7.06 14.85 -11.62
N LEU A 27 6.87 14.37 -10.39
CA LEU A 27 5.55 14.35 -9.77
C LEU A 27 5.52 15.40 -8.67
N GLU A 28 5.29 16.65 -9.07
CA GLU A 28 5.38 17.79 -8.16
C GLU A 28 4.24 17.81 -7.16
N ASP A 29 3.03 17.48 -7.61
CA ASP A 29 1.82 17.59 -6.79
C ASP A 29 1.40 16.21 -6.32
N LYS A 30 1.16 16.06 -5.03
CA LYS A 30 0.85 14.75 -4.45
C LYS A 30 -0.61 14.59 -4.07
N THR A 31 -1.46 15.56 -4.41
CA THR A 31 -2.85 15.51 -3.97
C THR A 31 -3.53 14.22 -4.42
N TYR A 32 -3.17 13.74 -5.63
CA TYR A 32 -3.81 12.54 -6.18
C TYR A 32 -3.69 11.35 -5.24
N LEU A 33 -2.56 11.22 -4.54
CA LEU A 33 -2.32 10.05 -3.72
C LEU A 33 -3.33 9.94 -2.59
N ARG A 34 -3.92 11.06 -2.17
CA ARG A 34 -4.92 11.01 -1.11
C ARG A 34 -6.17 10.22 -1.48
N HIS A 35 -6.45 10.03 -2.78
CA HIS A 35 -7.70 9.42 -3.23
C HIS A 35 -7.61 7.90 -3.40
N PHE A 36 -6.44 7.32 -3.18
CA PHE A 36 -6.25 5.89 -3.29
C PHE A 36 -6.22 5.24 -1.90
N TRP A 37 -6.55 3.95 -1.88
CA TRP A 37 -6.37 3.13 -0.69
C TRP A 37 -4.89 2.77 -0.53
N HIS A 38 -4.36 3.02 0.66
CA HIS A 38 -2.98 2.66 0.98
C HIS A 38 -2.95 1.75 2.20
N PRO A 39 -2.08 0.73 2.19
CA PRO A 39 -1.93 -0.11 3.38
C PRO A 39 -1.10 0.64 4.44
N VAL A 40 -1.57 0.58 5.70
CA VAL A 40 -0.85 1.24 6.78
C VAL A 40 -0.21 0.24 7.75
N CYS A 41 -0.74 -0.97 7.90
CA CYS A 41 -0.08 -1.99 8.70
C CYS A 41 -0.78 -3.31 8.41
N THR A 42 -0.12 -4.41 8.77
CA THR A 42 -0.81 -5.68 8.72
C THR A 42 -1.74 -5.77 9.92
N LEU A 43 -2.74 -6.65 9.81
CA LEU A 43 -3.64 -6.89 10.92
C LEU A 43 -2.87 -7.34 12.16
N ASN A 44 -1.94 -8.28 11.99
CA ASN A 44 -1.10 -8.72 13.09
C ASN A 44 -0.33 -7.56 13.71
N GLU A 45 0.30 -6.72 12.88
CA GLU A 45 0.97 -5.52 13.39
C GLU A 45 0.02 -4.66 14.20
N PHE A 46 -1.22 -4.48 13.72
CA PHE A 46 -2.16 -3.66 14.46
C PHE A 46 -2.50 -4.28 15.84
N GLU A 47 -2.72 -5.58 15.86
CA GLU A 47 -3.10 -6.25 17.11
C GLU A 47 -1.96 -6.30 18.12
N ARG A 48 -0.70 -6.33 17.65
CA ARG A 48 0.49 -6.30 18.52
C ARG A 48 0.86 -4.91 19.03
N ALA A 49 0.29 -3.83 18.46
CA ALA A 49 0.67 -2.48 18.81
C ALA A 49 0.24 -2.06 20.23
N ASN A 50 -0.72 -2.74 20.82
CA ASN A 50 -1.25 -2.35 22.12
C ASN A 50 -1.65 -3.63 22.83
N ALA A 51 -1.39 -3.72 24.14
CA ALA A 51 -1.71 -4.93 24.91
C ALA A 51 -3.18 -5.33 24.78
N SER A 52 -4.07 -4.39 24.47
CA SER A 52 -5.48 -4.78 24.34
C SER A 52 -5.75 -5.65 23.12
N GLY A 53 -4.89 -5.61 22.11
CA GLY A 53 -5.22 -6.25 20.85
C GLY A 53 -6.16 -5.46 19.96
N HIS A 54 -6.65 -4.30 20.44
CA HIS A 54 -7.57 -3.42 19.73
C HIS A 54 -7.01 -2.02 19.53
N GLY A 55 -5.70 -1.84 19.66
CA GLY A 55 -5.16 -0.49 19.56
C GLY A 55 -5.39 0.27 20.85
N PRO A 56 -5.26 1.60 20.82
CA PRO A 56 -4.98 2.42 19.64
C PRO A 56 -3.52 2.29 19.16
N MET A 57 -3.28 2.61 17.88
CA MET A 57 -1.96 2.48 17.29
C MET A 57 -1.74 3.69 16.41
N GLY A 58 -0.48 4.11 16.27
CA GLY A 58 -0.11 5.23 15.42
C GLY A 58 0.52 4.74 14.12
N VAL A 59 0.12 5.36 13.01
CA VAL A 59 0.72 5.15 11.70
C VAL A 59 0.84 6.50 11.03
N THR A 60 1.72 6.58 10.03
CA THR A 60 1.88 7.78 9.25
C THR A 60 1.62 7.45 7.78
N LEU A 61 0.75 8.25 7.15
CA LEU A 61 0.35 8.02 5.75
C LEU A 61 0.36 9.37 5.06
N LEU A 62 1.17 9.48 4.01
CA LEU A 62 1.27 10.71 3.23
C LEU A 62 1.59 11.89 4.13
N GLY A 63 2.46 11.66 5.12
CA GLY A 63 2.83 12.71 6.04
C GLY A 63 1.84 12.94 7.15
N GLU A 64 0.65 12.36 7.10
CA GLU A 64 -0.37 12.55 8.12
C GLU A 64 -0.20 11.54 9.24
N LYS A 65 -0.35 12.01 10.47
CA LYS A 65 -0.35 11.14 11.64
C LYS A 65 -1.78 10.70 11.90
N LEU A 66 -2.01 9.39 11.87
CA LEU A 66 -3.31 8.76 12.02
C LEU A 66 -3.30 7.88 13.25
N VAL A 67 -4.46 7.70 13.86
CA VAL A 67 -4.63 6.70 14.92
C VAL A 67 -5.58 5.61 14.39
N LEU A 68 -5.21 4.36 14.62
CA LEU A 68 -6.04 3.21 14.35
C LEU A 68 -6.55 2.67 15.68
N ALA A 69 -7.84 2.34 15.75
CA ALA A 69 -8.38 1.66 16.91
C ALA A 69 -9.54 0.79 16.47
N ARG A 70 -9.72 -0.32 17.17
CA ARG A 70 -10.82 -1.23 16.88
C ARG A 70 -11.93 -0.91 17.85
N LEU A 71 -13.03 -0.37 17.32
CA LEU A 71 -14.21 0.03 18.10
C LEU A 71 -15.38 -0.80 17.59
N ASN A 72 -15.99 -1.59 18.49
CA ASN A 72 -17.16 -2.41 18.15
C ASN A 72 -16.86 -3.29 16.95
N SER A 73 -15.72 -3.97 17.01
CA SER A 73 -15.25 -4.95 16.01
C SER A 73 -14.85 -4.33 14.67
N LYS A 74 -14.84 -3.01 14.53
CA LYS A 74 -14.31 -2.41 13.30
C LYS A 74 -13.17 -1.46 13.61
N ILE A 75 -12.10 -1.59 12.82
CA ILE A 75 -10.95 -0.72 12.92
C ILE A 75 -11.27 0.60 12.24
N ILE A 76 -11.07 1.68 12.96
CA ILE A 76 -11.26 3.00 12.42
C ILE A 76 -9.88 3.64 12.28
N ALA A 77 -9.83 4.65 11.43
CA ALA A 77 -8.63 5.46 11.23
C ALA A 77 -9.07 6.91 11.41
N ALA A 78 -8.36 7.65 12.24
CA ALA A 78 -8.71 9.04 12.48
C ALA A 78 -7.42 9.84 12.60
N ALA A 79 -7.57 11.16 12.63
CA ALA A 79 -6.44 12.05 12.85
C ALA A 79 -5.91 11.85 14.27
N ASP A 80 -4.58 11.68 14.38
CA ASP A 80 -3.95 11.37 15.67
C ASP A 80 -3.73 12.65 16.48
N ARG A 81 -4.82 13.33 16.77
CA ARG A 81 -4.71 14.67 17.34
C ARG A 81 -6.03 15.02 17.99
N CYS A 82 -6.07 15.03 19.32
CA CYS A 82 -7.29 15.35 20.03
C CYS A 82 -7.67 16.80 19.76
N ALA A 83 -8.97 17.05 19.60
CA ALA A 83 -9.44 18.41 19.32
C ALA A 83 -9.32 19.33 20.52
N HIS A 84 -9.26 18.77 21.73
CA HIS A 84 -9.20 19.61 22.92
C HIS A 84 -7.86 20.31 23.04
N ARG A 85 -6.79 19.54 23.32
CA ARG A 85 -5.47 20.15 23.49
C ARG A 85 -4.38 19.41 22.71
N SER A 86 -4.74 18.69 21.66
CA SER A 86 -3.83 18.20 20.63
C SER A 86 -2.99 17.01 21.08
N ALA A 87 -3.32 16.33 22.17
CA ALA A 87 -2.61 15.11 22.53
C ALA A 87 -2.79 14.02 21.45
N GLN A 88 -1.83 13.09 21.39
CA GLN A 88 -1.96 11.98 20.46
C GLN A 88 -2.93 10.94 20.99
N LEU A 89 -4.01 10.70 20.24
CA LEU A 89 -4.96 9.67 20.63
C LEU A 89 -4.34 8.29 20.58
N SER A 90 -3.28 8.10 19.77
CA SER A 90 -2.70 6.76 19.57
C SER A 90 -2.00 6.23 20.82
N ILE A 91 -1.73 7.09 21.80
CA ILE A 91 -1.24 6.63 23.10
C ILE A 91 -2.35 6.68 24.17
N GLY A 92 -3.62 6.76 23.75
CA GLY A 92 -4.70 6.62 24.71
C GLY A 92 -5.17 5.19 24.81
N ARG A 93 -6.48 4.99 24.91
CA ARG A 93 -6.97 3.64 25.13
C ARG A 93 -8.36 3.49 24.52
N VAL A 94 -8.65 2.27 24.08
CA VAL A 94 -10.00 1.89 23.70
C VAL A 94 -10.75 1.53 24.99
N CYS A 95 -11.87 2.19 25.23
CA CYS A 95 -12.68 1.94 26.41
C CYS A 95 -14.14 1.77 25.99
N SER A 96 -14.96 1.24 26.89
CA SER A 96 -16.36 0.97 26.54
C SER A 96 -17.30 1.58 27.57
N ASN A 97 -18.45 2.03 27.08
CA ASN A 97 -19.52 2.52 27.94
C ASN A 97 -20.84 2.02 27.35
N ALA A 98 -21.65 1.37 28.18
CA ALA A 98 -22.97 0.90 27.76
C ALA A 98 -22.87 0.07 26.47
N GLY A 99 -21.90 -0.84 26.45
CA GLY A 99 -21.64 -1.69 25.31
C GLY A 99 -21.13 -1.03 24.05
N LYS A 100 -20.82 0.27 24.04
CA LYS A 100 -20.23 0.92 22.88
C LYS A 100 -18.77 1.27 23.17
N ASP A 101 -17.91 1.00 22.19
CA ASP A 101 -16.48 1.31 22.32
C ASP A 101 -16.18 2.75 21.90
N TYR A 102 -15.18 3.33 22.56
CA TYR A 102 -14.73 4.68 22.28
C TYR A 102 -13.21 4.72 22.33
N LEU A 103 -12.68 5.70 21.63
CA LEU A 103 -11.26 6.00 21.67
C LEU A 103 -11.07 7.15 22.67
N GLU A 104 -10.42 6.85 23.78
CA GLU A 104 -10.28 7.82 24.86
C GLU A 104 -8.94 8.53 24.76
N CYS A 105 -8.97 9.86 24.83
CA CYS A 105 -7.72 10.62 24.79
C CYS A 105 -6.90 10.35 26.07
N PRO A 106 -5.57 10.28 25.97
CA PRO A 106 -4.76 10.03 27.18
C PRO A 106 -4.70 11.21 28.12
N TYR A 107 -5.11 12.41 27.67
CA TYR A 107 -4.82 13.61 28.45
C TYR A 107 -6.00 13.96 29.36
N HIS A 108 -7.10 14.48 28.81
CA HIS A 108 -8.26 14.79 29.64
C HIS A 108 -9.46 13.89 29.34
N GLY A 109 -9.26 12.78 28.64
CA GLY A 109 -10.25 11.73 28.58
C GLY A 109 -11.41 11.91 27.62
N TRP A 110 -11.34 12.84 26.68
CA TRP A 110 -12.43 12.96 25.71
C TRP A 110 -12.54 11.64 24.96
N ARG A 111 -13.78 11.24 24.68
CA ARG A 111 -14.04 9.98 24.03
C ARG A 111 -14.54 10.24 22.62
N TYR A 112 -13.99 9.51 21.65
CA TYR A 112 -14.38 9.63 20.25
C TYR A 112 -15.01 8.33 19.78
N ASP A 113 -16.05 8.45 18.95
CA ASP A 113 -16.69 7.29 18.35
C ASP A 113 -16.09 7.03 16.98
N GLU A 114 -16.60 5.99 16.30
CA GLU A 114 -16.06 5.56 15.00
C GLU A 114 -16.13 6.63 13.93
N ALA A 115 -16.96 7.65 14.11
CA ALA A 115 -17.07 8.73 13.13
C ALA A 115 -16.21 9.92 13.49
N GLY A 116 -15.43 9.83 14.57
CA GLY A 116 -14.61 10.96 15.00
C GLY A 116 -15.35 12.03 15.79
N ALA A 117 -16.61 11.80 16.18
CA ALA A 117 -17.35 12.73 16.99
C ALA A 117 -17.05 12.48 18.47
N CYS A 118 -16.78 13.55 19.21
CA CYS A 118 -16.56 13.40 20.63
C CYS A 118 -17.90 13.17 21.30
N GLN A 119 -18.04 12.03 22.00
CA GLN A 119 -19.30 11.66 22.64
C GLN A 119 -19.29 11.84 24.15
N LEU A 120 -18.13 12.17 24.76
CA LEU A 120 -18.09 12.47 26.18
C LEU A 120 -16.91 13.36 26.48
N ILE A 121 -17.19 14.46 27.17
CA ILE A 121 -16.18 15.30 27.81
C ILE A 121 -16.32 15.08 29.32
N PRO A 122 -15.41 14.32 29.95
CA PRO A 122 -15.63 13.93 31.35
C PRO A 122 -15.61 15.10 32.33
N ALA A 123 -15.03 16.24 31.94
CA ALA A 123 -15.04 17.41 32.82
C ALA A 123 -16.42 18.04 32.94
N CYS A 124 -17.21 18.05 31.86
CA CYS A 124 -18.58 18.57 31.86
C CYS A 124 -19.50 17.59 31.16
N PRO A 125 -19.88 16.49 31.84
CA PRO A 125 -20.49 15.35 31.12
C PRO A 125 -22.00 15.40 30.91
N ASP A 126 -22.65 16.58 30.97
CA ASP A 126 -24.13 16.56 30.95
C ASP A 126 -25.02 17.38 29.95
N LYS A 127 -24.59 17.72 28.73
CA LYS A 127 -23.20 17.80 28.31
C LYS A 127 -23.01 19.32 27.99
N SER A 128 -23.33 19.90 26.82
CA SER A 128 -23.70 19.31 25.53
C SER A 128 -22.53 19.60 24.59
N ILE A 129 -22.08 18.58 23.87
CA ILE A 129 -20.79 18.64 23.21
C ILE A 129 -20.87 19.48 21.95
N SER A 130 -20.02 20.51 21.87
CA SER A 130 -19.86 21.36 20.69
C SER A 130 -19.58 20.53 19.43
N PRO A 131 -20.09 20.95 18.27
CA PRO A 131 -19.69 20.28 17.01
C PRO A 131 -18.22 20.47 16.65
N ARG A 132 -17.58 21.53 17.15
CA ARG A 132 -16.15 21.75 17.00
C ARG A 132 -15.32 20.58 17.56
N ALA A 133 -15.88 19.81 18.50
CA ALA A 133 -15.18 18.73 19.16
C ALA A 133 -15.29 17.46 18.31
N LYS A 134 -14.44 17.39 17.31
CA LYS A 134 -14.59 16.36 16.30
C LYS A 134 -13.27 16.27 15.55
N ILE A 135 -12.87 15.05 15.23
CA ILE A 135 -11.65 14.79 14.49
C ILE A 135 -12.03 14.14 13.16
N SER A 136 -11.17 14.33 12.15
CA SER A 136 -11.37 13.69 10.87
C SER A 136 -11.30 12.18 11.01
N SER A 137 -12.25 11.49 10.39
CA SER A 137 -12.35 10.05 10.38
C SER A 137 -12.22 9.61 8.93
N PHE A 138 -11.53 8.50 8.67
CA PHE A 138 -11.19 8.17 7.28
C PHE A 138 -11.67 6.78 6.92
N ASP A 139 -11.90 6.55 5.62
CA ASP A 139 -12.12 5.21 5.10
C ASP A 139 -11.04 4.26 5.58
N CYS A 140 -11.46 3.07 6.01
CA CYS A 140 -10.55 2.12 6.63
C CYS A 140 -11.19 0.76 6.57
N GLU A 141 -10.51 -0.21 5.97
CA GLU A 141 -11.04 -1.56 5.81
C GLU A 141 -9.89 -2.54 5.87
N VAL A 142 -10.15 -3.72 6.43
CA VAL A 142 -9.19 -4.80 6.48
C VAL A 142 -9.41 -5.71 5.27
N LYS A 143 -8.35 -5.93 4.49
CA LYS A 143 -8.48 -6.88 3.38
C LYS A 143 -7.14 -7.58 3.21
N TYR A 144 -7.19 -8.89 3.00
CA TYR A 144 -6.01 -9.74 2.93
C TYR A 144 -5.17 -9.63 4.22
N ASP A 145 -5.84 -9.44 5.35
CA ASP A 145 -5.17 -9.30 6.66
C ASP A 145 -4.23 -8.12 6.67
N ILE A 146 -4.60 -7.07 5.95
CA ILE A 146 -3.88 -5.80 5.93
C ILE A 146 -4.87 -4.68 6.19
N VAL A 147 -4.44 -3.64 6.91
CA VAL A 147 -5.27 -2.47 7.18
C VAL A 147 -5.03 -1.41 6.11
N TRP A 148 -6.11 -1.03 5.41
CA TRP A 148 -6.08 -0.07 4.31
C TRP A 148 -6.80 1.20 4.73
N VAL A 149 -6.28 2.33 4.31
CA VAL A 149 -6.87 3.63 4.59
C VAL A 149 -6.92 4.42 3.29
N ARG A 150 -8.02 5.14 3.09
CA ARG A 150 -8.15 6.10 2.00
C ARG A 150 -8.51 7.44 2.62
N LEU A 151 -7.64 8.44 2.40
CA LEU A 151 -7.81 9.71 3.07
C LEU A 151 -8.92 10.56 2.47
N ASP A 152 -9.19 10.41 1.18
CA ASP A 152 -10.16 11.27 0.52
C ASP A 152 -11.12 10.43 -0.31
N ASN A 153 -12.40 10.56 0.04
CA ASN A 153 -13.60 9.96 -0.54
C ASN A 153 -14.14 10.66 -1.77
N SER A 154 -13.80 11.95 -1.95
CA SER A 154 -14.59 12.84 -2.80
C SER A 154 -14.83 12.25 -4.19
N PHE A 155 -13.82 11.63 -4.79
CA PHE A 155 -13.91 11.29 -6.20
C PHE A 155 -14.44 9.89 -6.45
N ASP A 156 -14.58 9.08 -5.39
CA ASP A 156 -15.33 7.81 -5.40
C ASP A 156 -15.05 6.96 -6.65
N CYS A 157 -13.76 6.73 -6.95
CA CYS A 157 -13.46 5.87 -8.09
C CYS A 157 -12.27 4.94 -7.88
N THR A 158 -11.82 4.73 -6.65
CA THR A 158 -10.68 3.86 -6.39
C THR A 158 -11.11 2.72 -5.46
N GLN A 159 -10.41 1.59 -5.56
CA GLN A 159 -10.70 0.44 -4.71
C GLN A 159 -9.41 -0.14 -4.15
N ILE A 160 -9.57 -1.06 -3.21
CA ILE A 160 -8.40 -1.66 -2.57
C ILE A 160 -7.65 -2.54 -3.57
N PRO A 161 -6.33 -2.42 -3.63
CA PRO A 161 -5.56 -3.14 -4.64
C PRO A 161 -5.90 -4.61 -4.79
N TYR A 162 -5.65 -5.10 -5.99
CA TYR A 162 -5.93 -6.47 -6.36
C TYR A 162 -4.84 -7.41 -5.86
N LEU A 163 -5.26 -8.50 -5.22
CA LEU A 163 -4.41 -9.65 -4.94
C LEU A 163 -5.18 -10.89 -5.33
N SER A 164 -4.52 -11.82 -6.01
CA SER A 164 -5.20 -13.02 -6.46
C SER A 164 -4.96 -14.16 -5.47
N ASP A 165 -5.97 -15.03 -5.36
CA ASP A 165 -5.87 -16.35 -4.72
C ASP A 165 -5.79 -16.32 -3.19
N PHE A 166 -6.09 -15.19 -2.54
CA PHE A 166 -6.08 -15.19 -1.08
C PHE A 166 -7.05 -16.23 -0.53
N ASP A 167 -8.18 -16.44 -1.22
CA ASP A 167 -9.20 -17.37 -0.78
C ASP A 167 -9.20 -18.69 -1.54
N ASN A 168 -8.17 -18.98 -2.32
CA ASN A 168 -8.10 -20.21 -3.10
C ASN A 168 -7.71 -21.38 -2.21
N PRO A 169 -8.63 -22.32 -1.96
CA PRO A 169 -8.35 -23.38 -0.97
C PRO A 169 -7.29 -24.37 -1.42
N ASP A 170 -6.84 -24.33 -2.67
CA ASP A 170 -5.71 -25.16 -3.04
C ASP A 170 -4.37 -24.54 -2.68
N MET A 171 -4.35 -23.30 -2.20
CA MET A 171 -3.09 -22.60 -1.97
C MET A 171 -3.00 -22.15 -0.52
N GLN A 172 -1.80 -21.72 -0.11
CA GLN A 172 -1.62 -21.18 1.23
C GLN A 172 -0.92 -19.84 1.16
N VAL A 173 -1.26 -18.96 2.12
CA VAL A 173 -0.88 -17.56 2.09
C VAL A 173 0.13 -17.27 3.21
N ILE A 174 1.09 -16.40 2.92
CA ILE A 174 1.96 -15.75 3.91
C ILE A 174 1.75 -14.25 3.76
N VAL A 175 1.27 -13.60 4.82
CA VAL A 175 1.23 -12.15 4.91
C VAL A 175 2.45 -11.72 5.75
N ALA A 176 3.45 -11.15 5.08
CA ALA A 176 4.70 -10.83 5.73
C ALA A 176 4.55 -9.60 6.61
N ASP A 177 5.36 -9.53 7.68
CA ASP A 177 5.53 -8.25 8.38
C ASP A 177 5.96 -7.19 7.38
N SER A 178 5.51 -5.97 7.57
CA SER A 178 5.90 -4.91 6.65
C SER A 178 7.35 -4.47 6.91
N TYR A 179 7.96 -3.81 5.91
CA TYR A 179 9.33 -3.33 6.06
C TYR A 179 9.45 -1.94 5.44
N ILE A 180 10.35 -1.14 6.03
CA ILE A 180 10.58 0.25 5.62
C ILE A 180 11.81 0.27 4.71
N TRP A 181 11.70 0.98 3.58
CA TRP A 181 12.86 1.39 2.80
C TRP A 181 12.93 2.90 2.81
N GLU A 182 14.15 3.44 2.87
CA GLU A 182 14.37 4.88 2.79
C GLU A 182 14.44 5.34 1.33
N THR A 183 13.29 5.21 0.67
CA THR A 183 13.06 5.76 -0.65
C THR A 183 11.56 6.01 -0.75
N VAL A 184 11.14 6.64 -1.85
CA VAL A 184 9.72 6.88 -2.07
C VAL A 184 9.10 5.67 -2.74
N ALA A 185 7.78 5.57 -2.64
CA ALA A 185 7.06 4.38 -3.09
C ALA A 185 7.19 4.13 -4.59
N GLU A 186 7.32 5.18 -5.42
CA GLU A 186 7.51 4.94 -6.86
C GLU A 186 8.78 4.15 -7.13
N ARG A 187 9.88 4.46 -6.42
CA ARG A 187 11.12 3.73 -6.64
C ARG A 187 10.97 2.28 -6.27
N ARG A 188 10.20 1.99 -5.22
CA ARG A 188 9.99 0.59 -4.83
C ARG A 188 9.19 -0.16 -5.88
N TRP A 189 8.13 0.45 -6.41
CA TRP A 189 7.32 -0.18 -7.44
C TRP A 189 8.15 -0.47 -8.69
N GLU A 190 8.90 0.52 -9.18
CA GLU A 190 9.71 0.31 -10.37
C GLU A 190 10.77 -0.76 -10.15
N ASN A 191 11.29 -0.85 -8.94
CA ASN A 191 12.23 -1.94 -8.64
C ASN A 191 11.55 -3.30 -8.76
N PHE A 192 10.30 -3.41 -8.29
CA PHE A 192 9.67 -4.72 -8.22
C PHE A 192 9.27 -5.25 -9.60
N THR A 193 8.98 -4.35 -10.54
CA THR A 193 8.50 -4.72 -11.87
C THR A 193 9.60 -4.74 -12.91
N ASP A 194 10.86 -4.81 -12.50
CA ASP A 194 11.98 -4.71 -13.43
C ASP A 194 12.84 -5.97 -13.36
N PHE A 195 13.18 -6.52 -14.53
CA PHE A 195 14.07 -7.68 -14.61
C PHE A 195 15.49 -7.33 -15.00
N SER A 196 15.71 -6.19 -15.66
CA SER A 196 17.05 -5.92 -16.16
C SER A 196 18.07 -5.69 -15.05
N HIS A 197 17.66 -5.53 -13.78
CA HIS A 197 18.66 -5.38 -12.74
C HIS A 197 19.13 -6.70 -12.13
N PHE A 198 18.52 -7.84 -12.48
CA PHE A 198 18.87 -9.11 -11.84
C PHE A 198 20.35 -9.45 -11.99
N ALA A 199 20.92 -9.22 -13.18
CA ALA A 199 22.31 -9.64 -13.39
C ALA A 199 23.27 -8.90 -12.48
N PHE A 200 22.90 -7.69 -12.05
CA PHE A 200 23.80 -6.86 -11.27
C PHE A 200 23.45 -6.83 -9.80
N VAL A 201 22.15 -6.84 -9.46
CA VAL A 201 21.74 -6.80 -8.06
C VAL A 201 21.61 -8.21 -7.48
N HIS A 202 21.15 -9.17 -8.28
CA HIS A 202 20.82 -10.52 -7.81
C HIS A 202 21.62 -11.63 -8.48
N PRO A 203 22.91 -11.47 -8.78
CA PRO A 203 23.57 -12.47 -9.66
C PRO A 203 23.57 -13.88 -9.09
N GLY A 204 23.86 -14.06 -7.82
CA GLY A 204 23.84 -15.41 -7.27
C GLY A 204 22.52 -15.85 -6.67
N THR A 205 21.44 -15.11 -6.88
CA THR A 205 20.19 -15.40 -6.21
C THR A 205 19.02 -15.62 -7.16
N LEU A 206 18.90 -14.81 -8.20
CA LEU A 206 17.77 -14.87 -9.11
C LEU A 206 18.29 -15.04 -10.54
N TYR A 207 17.73 -16.00 -11.27
CA TYR A 207 18.04 -16.16 -12.68
C TYR A 207 17.24 -15.15 -13.49
N ASP A 208 17.89 -14.49 -14.44
CA ASP A 208 17.20 -13.56 -15.33
C ASP A 208 16.70 -14.31 -16.56
N PRO A 209 15.39 -14.49 -16.73
CA PRO A 209 14.89 -15.20 -17.92
C PRO A 209 14.83 -14.36 -19.19
N PHE A 210 15.29 -13.09 -19.16
CA PHE A 210 15.20 -12.22 -20.32
C PHE A 210 16.50 -11.48 -20.62
N PHE A 211 17.65 -11.93 -20.11
CA PHE A 211 18.82 -11.06 -20.15
C PHE A 211 19.25 -10.80 -21.60
N ALA A 212 19.53 -9.53 -21.91
CA ALA A 212 19.92 -9.04 -23.22
C ALA A 212 18.85 -9.25 -24.29
N SER A 213 17.67 -9.75 -23.89
CA SER A 213 16.50 -9.87 -24.74
C SER A 213 15.64 -8.61 -24.63
N HIS A 214 14.82 -8.37 -25.67
CA HIS A 214 13.78 -7.35 -25.63
C HIS A 214 12.46 -8.05 -25.89
N PRO A 215 11.90 -8.75 -24.89
CA PRO A 215 10.60 -9.37 -25.08
C PRO A 215 9.56 -8.33 -25.47
N THR A 216 8.58 -8.77 -26.24
CA THR A 216 7.46 -7.91 -26.63
C THR A 216 6.48 -7.87 -25.46
N VAL A 217 6.27 -6.69 -24.90
CA VAL A 217 5.40 -6.55 -23.74
C VAL A 217 4.36 -5.48 -24.05
N TYR A 218 3.09 -5.89 -24.02
CA TYR A 218 2.00 -4.94 -24.13
C TYR A 218 1.60 -4.49 -22.74
N VAL A 219 1.46 -3.18 -22.57
CA VAL A 219 1.07 -2.59 -21.30
C VAL A 219 -0.31 -1.98 -21.46
N ASN A 220 -1.27 -2.51 -20.72
CA ASN A 220 -2.64 -2.00 -20.74
C ASN A 220 -2.97 -1.28 -19.44
N ARG A 221 -3.90 -0.33 -19.54
CA ARG A 221 -4.61 0.23 -18.40
C ARG A 221 -6.02 -0.35 -18.40
N VAL A 222 -6.36 -1.11 -17.36
CA VAL A 222 -7.64 -1.81 -17.26
C VAL A 222 -8.16 -1.62 -15.84
N ASP A 223 -9.26 -0.87 -15.71
CA ASP A 223 -9.99 -0.76 -14.44
C ASP A 223 -9.07 -0.35 -13.28
N GLY A 224 -8.30 0.72 -13.48
CA GLY A 224 -7.43 1.21 -12.42
C GLY A 224 -6.13 0.45 -12.23
N GLU A 225 -5.81 -0.50 -13.10
CA GLU A 225 -4.62 -1.34 -13.00
C GLU A 225 -3.73 -1.16 -14.22
N LEU A 226 -2.42 -1.15 -14.01
CA LEU A 226 -1.48 -1.48 -15.08
C LEU A 226 -1.43 -3.00 -15.23
N GLN A 227 -1.61 -3.48 -16.46
CA GLN A 227 -1.61 -4.91 -16.73
C GLN A 227 -0.63 -5.19 -17.86
N PHE A 228 0.29 -6.12 -17.61
CA PHE A 228 1.22 -6.53 -18.63
C PHE A 228 1.63 -7.96 -18.32
N LYS A 229 2.17 -8.62 -19.33
CA LYS A 229 2.54 -10.01 -19.25
C LYS A 229 3.90 -10.13 -19.91
N LEU A 230 4.80 -10.89 -19.28
CA LEU A 230 6.14 -11.12 -19.79
C LEU A 230 6.32 -12.61 -19.98
N ALA A 231 6.82 -13.01 -21.14
CA ALA A 231 7.10 -14.40 -21.42
C ALA A 231 8.56 -14.52 -21.93
N PRO A 232 9.32 -15.49 -21.46
CA PRO A 232 10.66 -15.73 -22.03
C PRO A 232 10.54 -16.26 -23.45
N PRO A 233 11.64 -16.22 -24.23
CA PRO A 233 11.59 -16.70 -25.62
C PRO A 233 11.46 -18.24 -25.75
N PRO A 244 13.29 -23.46 -13.70
CA PRO A 244 12.16 -23.83 -14.57
C PRO A 244 11.45 -22.60 -15.15
N MET A 245 11.00 -22.69 -16.40
CA MET A 245 10.49 -21.52 -17.10
C MET A 245 9.00 -21.31 -16.83
N GLY A 246 8.58 -20.05 -16.96
CA GLY A 246 7.20 -19.70 -16.67
C GLY A 246 6.81 -18.37 -17.28
N ASP A 247 5.52 -18.06 -17.17
CA ASP A 247 5.01 -16.76 -17.58
C ASP A 247 4.83 -15.87 -16.35
N PHE A 248 4.90 -14.56 -16.58
CA PHE A 248 4.80 -13.54 -15.55
C PHE A 248 3.65 -12.61 -15.92
N THR A 249 2.56 -12.70 -15.18
CA THR A 249 1.35 -11.96 -15.45
C THR A 249 1.14 -10.94 -14.34
N TYR A 250 1.17 -9.65 -14.69
CA TYR A 250 1.11 -8.57 -13.73
C TYR A 250 -0.25 -7.89 -13.78
N ARG A 251 -0.90 -7.78 -12.62
CA ARG A 251 -2.00 -6.86 -12.43
C ARG A 251 -1.60 -5.93 -11.29
N CYS A 252 -1.57 -4.63 -11.59
CA CYS A 252 -0.90 -3.65 -10.74
C CYS A 252 -1.87 -2.53 -10.42
N THR A 253 -2.61 -2.65 -9.31
CA THR A 253 -3.49 -1.55 -8.96
C THR A 253 -2.67 -0.31 -8.67
N MET A 254 -3.05 0.80 -9.29
CA MET A 254 -2.39 2.07 -9.06
C MET A 254 -2.75 2.62 -7.68
N PRO A 255 -1.83 3.37 -7.05
CA PRO A 255 -0.54 3.81 -7.60
C PRO A 255 0.63 2.93 -7.26
N TYR A 256 0.50 1.90 -6.41
CA TYR A 256 1.72 1.29 -5.87
C TYR A 256 1.63 -0.22 -5.64
N SER A 257 0.71 -0.93 -6.27
CA SER A 257 0.60 -2.37 -6.02
C SER A 257 1.08 -3.18 -7.21
N VAL A 258 1.52 -4.39 -6.92
CA VAL A 258 1.92 -5.37 -7.93
C VAL A 258 1.41 -6.73 -7.51
N ASN A 259 0.60 -7.36 -8.36
CA ASN A 259 0.26 -8.77 -8.21
C ASN A 259 0.95 -9.52 -9.35
N LEU A 260 1.95 -10.33 -9.01
CA LEU A 260 2.72 -11.08 -9.99
C LEU A 260 2.29 -12.54 -9.93
N GLU A 261 1.64 -13.01 -10.98
CA GLU A 261 1.32 -14.43 -11.11
C GLU A 261 2.40 -15.09 -11.95
N ILE A 262 3.07 -16.09 -11.37
CA ILE A 262 4.02 -16.90 -12.11
C ILE A 262 3.35 -18.24 -12.40
N LYS A 263 3.19 -18.55 -13.68
CA LYS A 263 2.64 -19.84 -14.13
C LYS A 263 3.76 -20.63 -14.80
N LEU A 264 4.09 -21.79 -14.24
CA LEU A 264 5.14 -22.61 -14.83
C LEU A 264 4.67 -23.20 -16.16
N TRP A 265 5.62 -23.31 -17.10
CA TRP A 265 5.33 -23.91 -18.40
C TRP A 265 5.12 -25.41 -18.27
N LYS A 266 6.14 -26.11 -17.78
CA LYS A 266 6.01 -27.52 -17.45
C LYS A 266 5.15 -27.64 -16.21
N ASP A 267 3.92 -28.16 -16.39
CA ASP A 267 2.88 -28.23 -15.37
C ASP A 267 2.11 -26.91 -15.37
N ASP A 268 0.98 -26.83 -14.68
CA ASP A 268 0.24 -25.57 -14.58
C ASP A 268 0.34 -24.95 -13.21
N SER A 269 1.38 -25.26 -12.45
CA SER A 269 1.50 -24.75 -11.08
C SER A 269 1.73 -23.24 -11.09
N ARG A 270 1.07 -22.54 -10.17
CA ARG A 270 1.15 -21.11 -10.07
C ARG A 270 1.74 -20.68 -8.72
N PHE A 271 2.37 -19.51 -8.73
CA PHE A 271 2.97 -18.89 -7.56
C PHE A 271 2.65 -17.41 -7.66
N VAL A 272 2.07 -16.82 -6.61
CA VAL A 272 1.75 -15.39 -6.60
C VAL A 272 2.69 -14.67 -5.63
N LEU A 273 3.37 -13.64 -6.14
CA LEU A 273 4.14 -12.70 -5.32
C LEU A 273 3.48 -11.34 -5.47
N TRP A 274 3.12 -10.76 -4.34
CA TRP A 274 2.38 -9.51 -4.29
C TRP A 274 3.10 -8.55 -3.35
N THR A 275 3.08 -7.27 -3.72
CA THR A 275 3.62 -6.23 -2.87
C THR A 275 2.84 -4.97 -3.13
N THR A 276 2.72 -4.14 -2.09
CA THR A 276 2.23 -2.79 -2.21
C THR A 276 3.14 -1.90 -1.37
N ALA A 277 3.53 -0.76 -1.94
CA ALA A 277 4.33 0.22 -1.22
C ALA A 277 3.41 1.30 -0.68
N SER A 278 3.54 1.60 0.60
CA SER A 278 2.73 2.66 1.20
C SER A 278 3.51 3.95 1.30
N PRO A 279 2.97 5.08 0.80
CA PRO A 279 3.70 6.34 0.86
C PRO A 279 3.66 6.95 2.26
N VAL A 280 4.60 6.55 3.11
CA VAL A 280 4.61 7.00 4.51
C VAL A 280 4.85 8.50 4.58
N ASP A 281 5.93 8.98 3.98
CA ASP A 281 6.25 10.40 3.97
C ASP A 281 7.13 10.66 2.76
N ASN A 282 7.76 11.84 2.74
CA ASN A 282 8.53 12.25 1.58
C ASN A 282 9.85 11.51 1.42
N LYS A 283 10.25 10.66 2.39
CA LYS A 283 11.56 10.02 2.32
C LYS A 283 11.54 8.53 2.60
N SER A 284 10.37 7.90 2.70
CA SER A 284 10.32 6.49 3.07
C SER A 284 9.02 5.89 2.59
N CYS A 285 9.00 4.57 2.47
CA CYS A 285 7.79 3.85 2.18
C CYS A 285 7.78 2.58 3.01
N ARG A 286 6.60 2.12 3.36
CA ARG A 286 6.42 0.91 4.13
C ARG A 286 5.78 -0.12 3.21
N ASN A 287 6.41 -1.27 3.11
CA ASN A 287 6.13 -2.21 2.05
C ASN A 287 5.54 -3.50 2.62
N PHE A 288 4.51 -3.98 1.95
CA PHE A 288 3.68 -5.11 2.36
C PHE A 288 3.82 -6.20 1.31
N MET A 289 4.32 -7.35 1.72
CA MET A 289 4.50 -8.48 0.83
C MET A 289 3.56 -9.62 1.21
N ILE A 290 2.96 -10.26 0.19
CA ILE A 290 2.13 -11.46 0.37
C ILE A 290 2.60 -12.51 -0.62
N ILE A 291 2.83 -13.72 -0.13
CA ILE A 291 3.21 -14.86 -0.96
C ILE A 291 2.06 -15.86 -0.93
N VAL A 292 1.58 -16.25 -2.11
CA VAL A 292 0.53 -17.27 -2.26
C VAL A 292 1.09 -18.40 -3.08
N ARG A 293 1.01 -19.61 -2.55
CA ARG A 293 1.62 -20.76 -3.20
C ARG A 293 0.72 -21.97 -2.99
N GLU A 294 0.90 -22.97 -3.85
CA GLU A 294 0.18 -24.23 -3.70
C GLU A 294 0.68 -24.96 -2.46
N LYS A 295 -0.24 -25.63 -1.76
CA LYS A 295 0.11 -26.26 -0.49
C LYS A 295 1.23 -27.27 -0.71
N ASP A 296 2.22 -27.30 0.23
CA ASP A 296 3.42 -28.08 -0.06
C ASP A 296 4.12 -28.74 1.13
N ASN A 297 3.64 -28.58 2.36
CA ASN A 297 4.31 -29.10 3.56
C ASN A 297 5.74 -28.57 3.71
N GLN A 298 6.08 -27.42 3.08
CA GLN A 298 7.34 -26.76 3.39
C GLN A 298 7.14 -25.67 4.43
N PRO A 299 8.17 -25.36 5.21
CA PRO A 299 8.05 -24.29 6.20
C PRO A 299 7.90 -22.94 5.51
N ASP A 300 6.94 -22.15 5.98
CA ASP A 300 6.78 -20.78 5.47
C ASP A 300 8.06 -19.96 5.58
N HIS A 301 8.87 -20.20 6.61
CA HIS A 301 10.05 -19.36 6.79
C HIS A 301 11.04 -19.52 5.63
N MET A 302 11.07 -20.69 4.98
CA MET A 302 11.95 -20.85 3.83
C MET A 302 11.60 -19.87 2.70
N HIS A 303 10.31 -19.65 2.46
CA HIS A 303 9.88 -18.69 1.44
C HIS A 303 10.09 -17.26 1.87
N LEU A 304 9.80 -16.95 3.14
CA LEU A 304 10.04 -15.61 3.65
C LEU A 304 11.52 -15.26 3.63
N ALA A 305 12.36 -16.18 4.12
CA ALA A 305 13.78 -15.88 4.17
C ALA A 305 14.36 -15.70 2.79
N PHE A 306 13.87 -16.44 1.79
CA PHE A 306 14.41 -16.24 0.46
C PHE A 306 14.05 -14.86 -0.06
N GLN A 307 12.79 -14.43 0.16
CA GLN A 307 12.40 -13.10 -0.27
C GLN A 307 13.17 -12.02 0.49
N LYS A 308 13.44 -12.24 1.78
CA LYS A 308 14.26 -11.27 2.51
C LYS A 308 15.67 -11.19 1.91
N ARG A 309 16.24 -12.33 1.53
CA ARG A 309 17.55 -12.30 0.90
C ARG A 309 17.55 -11.43 -0.36
N VAL A 310 16.53 -11.58 -1.19
CA VAL A 310 16.39 -10.74 -2.37
C VAL A 310 16.22 -9.27 -1.98
N LEU A 311 15.31 -9.00 -1.04
CA LEU A 311 15.07 -7.64 -0.58
C LEU A 311 16.37 -7.00 -0.09
N ASP A 312 17.19 -7.76 0.62
CA ASP A 312 18.42 -7.18 1.14
C ASP A 312 19.43 -6.89 0.05
N GLU A 313 19.34 -7.56 -1.10
CA GLU A 313 20.20 -7.20 -2.24
C GLU A 313 19.72 -5.89 -2.89
N ASP A 314 18.41 -5.74 -3.08
CA ASP A 314 17.87 -4.51 -3.68
C ASP A 314 18.04 -3.30 -2.77
N GLN A 315 17.84 -3.47 -1.46
CA GLN A 315 17.67 -2.33 -0.57
C GLN A 315 18.77 -1.27 -0.69
N PRO A 316 20.06 -1.59 -0.55
CA PRO A 316 21.06 -0.51 -0.59
C PRO A 316 21.19 0.13 -1.98
N VAL A 317 20.92 -0.61 -3.05
CA VAL A 317 20.99 0.00 -4.38
C VAL A 317 19.85 1.00 -4.57
N ILE A 318 18.63 0.59 -4.19
CA ILE A 318 17.47 1.46 -4.37
C ILE A 318 17.55 2.67 -3.44
N GLU A 319 17.99 2.44 -2.20
CA GLU A 319 18.15 3.58 -1.29
C GLU A 319 19.27 4.53 -1.73
N SER A 320 20.17 4.09 -2.62
CA SER A 320 21.19 5.00 -3.13
C SER A 320 20.65 5.93 -4.21
N GLN A 321 19.46 5.66 -4.74
CA GLN A 321 18.95 6.47 -5.84
C GLN A 321 18.59 7.86 -5.34
N TRP A 322 19.14 8.88 -6.00
CA TRP A 322 18.92 10.25 -5.57
C TRP A 322 18.90 11.23 -6.74
N PRO A 323 18.08 12.29 -6.64
CA PRO A 323 17.10 12.52 -5.58
C PRO A 323 16.07 11.42 -5.47
N LEU A 324 15.54 11.22 -4.26
CA LEU A 324 14.55 10.19 -4.02
C LEU A 324 13.40 10.28 -5.01
N GLU A 325 12.81 11.46 -5.12
CA GLU A 325 11.72 11.69 -6.06
C GLU A 325 12.17 11.41 -7.48
N ILE A 326 11.28 10.78 -8.26
CA ILE A 326 11.50 10.61 -9.69
C ILE A 326 11.81 11.96 -10.31
N GLN A 327 12.89 12.04 -11.10
CA GLN A 327 13.28 13.28 -11.76
C GLN A 327 13.02 13.22 -13.25
N THR A 328 12.69 14.38 -13.85
CA THR A 328 12.40 14.43 -15.28
C THR A 328 13.64 14.15 -16.13
N SER A 329 14.83 14.40 -15.60
CA SER A 329 16.07 14.22 -16.35
C SER A 329 16.52 12.76 -16.47
N GLU A 330 15.86 11.82 -15.80
CA GLU A 330 16.30 10.43 -15.86
C GLU A 330 16.13 9.89 -17.29
N VAL A 331 17.09 9.08 -17.73
CA VAL A 331 17.17 8.67 -19.12
C VAL A 331 16.55 7.28 -19.24
N SER A 332 15.42 7.18 -19.94
CA SER A 332 14.76 5.90 -20.18
C SER A 332 15.13 5.32 -21.55
N VAL A 333 15.38 4.02 -21.57
CA VAL A 333 15.65 3.27 -22.80
C VAL A 333 14.48 2.32 -23.06
N ALA A 334 14.59 1.52 -24.13
CA ALA A 334 13.45 0.73 -24.60
C ALA A 334 12.99 -0.26 -23.55
N THR A 335 13.92 -0.87 -22.83
CA THR A 335 13.53 -1.85 -21.84
C THR A 335 12.86 -1.24 -20.60
N ASP A 336 12.69 0.09 -20.51
CA ASP A 336 11.98 0.68 -19.38
C ASP A 336 10.50 0.93 -19.66
N LYS A 337 9.94 0.25 -20.67
CA LYS A 337 8.57 0.49 -21.11
C LYS A 337 7.58 0.49 -19.93
N ILE A 338 7.65 -0.54 -19.07
CA ILE A 338 6.77 -0.58 -17.90
C ILE A 338 6.96 0.66 -17.04
N SER A 339 8.20 0.99 -16.71
CA SER A 339 8.46 2.16 -15.88
C SER A 339 7.96 3.44 -16.53
N VAL A 340 8.17 3.58 -17.85
CA VAL A 340 7.71 4.77 -18.55
C VAL A 340 6.19 4.88 -18.51
N GLN A 341 5.49 3.78 -18.74
CA GLN A 341 4.02 3.79 -18.66
C GLN A 341 3.56 4.07 -17.23
N PHE A 342 4.29 3.59 -16.24
CA PHE A 342 3.97 3.87 -14.84
C PHE A 342 4.13 5.37 -14.56
N ARG A 343 5.27 5.93 -14.94
CA ARG A 343 5.49 7.37 -14.76
C ARG A 343 4.46 8.20 -15.52
N LYS A 344 4.11 7.80 -16.74
CA LYS A 344 3.09 8.52 -17.51
C LYS A 344 1.78 8.60 -16.76
N TRP A 345 1.31 7.44 -16.26
CA TRP A 345 0.00 7.44 -15.61
C TRP A 345 0.06 8.16 -14.27
N HIS A 346 1.18 8.06 -13.54
CA HIS A 346 1.32 8.83 -12.31
C HIS A 346 1.23 10.33 -12.60
N LYS A 347 1.93 10.80 -13.64
CA LYS A 347 1.90 12.23 -13.97
C LYS A 347 0.50 12.68 -14.36
N GLU A 348 -0.20 11.88 -15.15
CA GLU A 348 -1.54 12.22 -15.58
C GLU A 348 -2.50 12.25 -14.39
N LEU A 349 -2.39 11.26 -13.50
CA LEU A 349 -3.19 11.23 -12.28
C LEU A 349 -2.91 12.44 -11.40
N SER A 350 -1.64 12.79 -11.26
CA SER A 350 -1.28 13.96 -10.46
C SER A 350 -1.93 15.23 -11.01
N LEU A 351 -1.95 15.38 -12.33
CA LEU A 351 -2.55 16.57 -12.92
C LEU A 351 -4.06 16.49 -12.88
N SER A 352 -4.63 15.31 -13.14
CA SER A 352 -6.09 15.17 -13.17
C SER A 352 -6.71 15.51 -11.82
N ALA A 353 -6.03 15.13 -10.73
CA ALA A 353 -6.60 15.37 -9.41
C ALA A 353 -6.65 16.86 -9.12
N VAL A 354 -5.63 17.59 -9.57
CA VAL A 354 -5.66 19.04 -9.42
C VAL A 354 -6.79 19.65 -10.25
N GLU A 355 -7.15 19.03 -11.37
CA GLU A 355 -8.18 19.58 -12.24
C GLU A 355 -9.57 19.42 -11.65
N GLY A 356 -9.86 18.27 -11.07
CA GLY A 356 -11.11 18.11 -10.39
C GLY A 356 -11.62 16.70 -10.51
N ARG A 357 -12.83 16.50 -9.99
CA ARG A 357 -13.38 15.16 -9.84
C ARG A 357 -13.46 14.44 -11.18
N GLU A 358 -14.01 15.10 -12.19
CA GLU A 358 -14.26 14.39 -13.45
C GLU A 358 -12.95 14.09 -14.17
N ALA A 359 -11.99 15.00 -14.14
CA ALA A 359 -10.69 14.71 -14.75
C ALA A 359 -10.03 13.50 -14.11
N PHE A 360 -10.02 13.46 -12.78
CA PHE A 360 -9.42 12.33 -12.07
C PHE A 360 -10.13 11.02 -12.41
N ARG A 361 -11.47 11.01 -12.30
CA ARG A 361 -12.20 9.77 -12.55
C ARG A 361 -11.95 9.24 -13.94
N ASP A 362 -11.80 10.15 -14.92
CA ASP A 362 -11.48 9.74 -16.29
C ASP A 362 -10.11 9.09 -16.34
N SER A 363 -9.12 9.72 -15.71
CA SER A 363 -7.76 9.18 -15.71
C SER A 363 -7.71 7.80 -15.05
N VAL A 364 -8.37 7.64 -13.89
CA VAL A 364 -8.38 6.35 -13.19
C VAL A 364 -9.09 5.30 -14.04
N LEU A 365 -10.29 5.62 -14.53
CA LEU A 365 -11.23 4.61 -15.02
C LEU A 365 -11.14 4.32 -16.52
N THR A 366 -10.52 5.18 -17.31
CA THR A 366 -10.48 4.97 -18.76
C THR A 366 -9.50 3.86 -19.13
N ASN A 367 -10.01 2.76 -19.71
CA ASN A 367 -9.11 1.71 -20.13
C ASN A 367 -8.38 2.10 -21.39
N VAL A 368 -7.17 1.57 -21.55
CA VAL A 368 -6.31 1.87 -22.68
C VAL A 368 -5.57 0.60 -23.02
N ILE A 369 -5.97 -0.05 -24.12
CA ILE A 369 -5.38 -1.30 -24.55
C ILE A 369 -4.39 -0.99 -25.66
N GLU A 370 -3.15 -1.47 -25.53
CA GLU A 370 -2.11 -1.13 -26.50
C GLU A 370 -2.47 -1.72 -27.85
N GLU A 371 -2.96 -0.86 -28.75
CA GLU A 371 -3.37 -1.14 -30.14
C GLU A 371 -4.44 -0.10 -30.52
#